data_3MF1
#
_entry.id   3MF1
#
_cell.length_a   128.092
_cell.length_b   101.304
_cell.length_c   50.479
_cell.angle_alpha   90.000
_cell.angle_beta   90.000
_cell.angle_gamma   90.000
#
_symmetry.space_group_name_H-M   'P 21 21 2'
#
loop_
_entity.id
_entity.type
_entity.pdbx_description
1 polymer 'Bll0957 protein'
2 non-polymer 'ZINC ION'
3 non-polymer "5'-O-(glycylsulfamoyl)adenosine"
4 water water
#
_entity_poly.entity_id   1
_entity_poly.type   'polypeptide(L)'
_entity_poly.pdbx_seq_one_letter_code
;MGSSHHHHHHSSGLVPRGSHMNIAVLPNSPDTAPQIADPLDHLADKLFHSMGSDGVYARTALYESIVERLAALITSHREA
GTEALRFPPVMSRAQLEKSGYLKSFPNLLGCVCGLHGTEREINAAVSRFDAGGDWTTSLSPADLVLSPAACYPVYPIAAS
RGPLPKGGLRFDVAADCFRREPSKHLDRLQSFRMREYVCIGTPDDVSDFRERWMVRAQAIARDLGLTFRVDYASDPFFGR
VGQMKAVSQKQQQLKFELLIPLRSEEQPTACMSFNYHREHFGTTWGIQDANGEPAHTGCVAFGMDRLAVAMFHTHGTDLS
AWPAKVRDILGLQPHVAAGAHGEGWR
;
_entity_poly.pdbx_strand_id   A,B
#
loop_
_chem_comp.id
_chem_comp.type
_chem_comp.name
_chem_comp.formula
G5A non-polymer 5'-O-(glycylsulfamoyl)adenosine 'C12 H17 N7 O7 S'
ZN non-polymer 'ZINC ION' 'Zn 2'
#
# COMPACT_ATOMS: atom_id res chain seq x y z
N ASP A 38 -22.71 -9.10 12.48
CA ASP A 38 -21.42 -9.59 12.96
C ASP A 38 -20.96 -8.78 14.20
N PRO A 39 -20.30 -9.42 15.21
CA PRO A 39 -19.88 -8.66 16.42
C PRO A 39 -18.91 -7.49 16.22
N LEU A 40 -18.25 -7.41 15.06
CA LEU A 40 -17.31 -6.33 14.80
C LEU A 40 -17.96 -5.15 14.10
N ASP A 41 -19.12 -5.35 13.45
CA ASP A 41 -19.86 -4.33 12.70
C ASP A 41 -20.07 -3.00 13.36
N HIS A 42 -20.35 -3.00 14.69
CA HIS A 42 -20.57 -1.76 15.46
C HIS A 42 -19.37 -0.81 15.37
N LEU A 43 -18.17 -1.32 15.07
CA LEU A 43 -16.95 -0.51 15.02
C LEU A 43 -16.78 0.30 13.75
N ALA A 44 -17.39 -0.17 12.63
CA ALA A 44 -17.29 0.43 11.29
C ALA A 44 -17.47 1.96 11.19
N ASP A 45 -18.47 2.52 11.90
N ASP A 45 -18.47 2.52 11.87
CA ASP A 45 -18.81 3.95 11.93
CA ASP A 45 -18.77 3.96 11.86
C ASP A 45 -17.62 4.85 12.30
C ASP A 45 -17.60 4.86 12.28
N LYS A 46 -16.89 4.52 13.37
CA LYS A 46 -15.75 5.33 13.85
C LYS A 46 -14.44 5.04 13.12
N LEU A 47 -14.31 3.83 12.53
CA LEU A 47 -13.06 3.36 11.91
C LEU A 47 -12.94 3.45 10.41
N PHE A 48 -14.05 3.20 9.69
CA PHE A 48 -14.01 3.13 8.23
C PHE A 48 -15.08 3.89 7.50
N HIS A 49 -14.84 4.09 6.19
CA HIS A 49 -15.81 4.64 5.25
C HIS A 49 -15.80 3.66 4.11
N SER A 50 -16.97 3.42 3.54
CA SER A 50 -17.16 2.52 2.40
C SER A 50 -16.48 3.08 1.16
N MET A 51 -15.93 2.18 0.36
CA MET A 51 -15.27 2.52 -0.90
C MET A 51 -15.94 1.78 -2.05
N GLY A 52 -17.12 1.23 -1.77
CA GLY A 52 -17.92 0.51 -2.75
C GLY A 52 -17.42 -0.87 -3.08
N SER A 53 -16.66 -1.47 -2.15
CA SER A 53 -16.14 -2.83 -2.34
C SER A 53 -15.87 -3.46 -1.00
N ASP A 54 -16.36 -4.68 -0.81
CA ASP A 54 -16.21 -5.44 0.44
C ASP A 54 -14.73 -5.69 0.75
N GLY A 55 -14.33 -5.34 1.96
CA GLY A 55 -12.97 -5.52 2.41
C GLY A 55 -11.98 -4.50 1.91
N VAL A 56 -12.49 -3.38 1.34
CA VAL A 56 -11.70 -2.27 0.83
C VAL A 56 -12.28 -1.01 1.46
N TYR A 57 -11.64 -0.48 2.52
CA TYR A 57 -12.19 0.67 3.24
C TYR A 57 -11.25 1.85 3.40
N ALA A 58 -11.84 3.05 3.44
CA ALA A 58 -11.14 4.30 3.72
C ALA A 58 -10.96 4.29 5.25
N ARG A 59 -9.76 4.62 5.75
CA ARG A 59 -9.49 4.65 7.20
C ARG A 59 -9.67 6.06 7.75
N THR A 60 -10.37 6.18 8.89
CA THR A 60 -10.56 7.46 9.58
C THR A 60 -9.27 7.85 10.29
N ALA A 61 -9.17 9.13 10.71
CA ALA A 61 -8.01 9.65 11.46
C ALA A 61 -7.83 8.86 12.78
N LEU A 62 -8.94 8.47 13.42
CA LEU A 62 -8.90 7.68 14.67
C LEU A 62 -8.24 6.30 14.42
N TYR A 63 -8.73 5.54 13.42
CA TYR A 63 -8.20 4.22 13.08
C TYR A 63 -6.70 4.28 12.72
N GLU A 64 -6.33 5.23 11.83
N GLU A 64 -6.34 5.22 11.82
CA GLU A 64 -4.96 5.41 11.36
CA GLU A 64 -4.98 5.42 11.32
C GLU A 64 -3.99 5.77 12.47
C GLU A 64 -4.00 5.78 12.44
N SER A 65 -4.42 6.60 13.43
CA SER A 65 -3.55 6.98 14.57
C SER A 65 -3.14 5.73 15.40
N ILE A 66 -4.05 4.74 15.47
CA ILE A 66 -3.79 3.49 16.17
C ILE A 66 -2.87 2.54 15.37
N VAL A 67 -3.09 2.41 14.05
CA VAL A 67 -2.20 1.60 13.18
C VAL A 67 -0.76 2.14 13.30
N GLU A 68 -0.60 3.48 13.24
CA GLU A 68 0.73 4.13 13.33
C GLU A 68 1.39 3.87 14.68
N ARG A 69 0.61 3.92 15.76
CA ARG A 69 1.15 3.70 17.11
C ARG A 69 1.53 2.24 17.31
N LEU A 70 0.76 1.32 16.72
CA LEU A 70 1.08 -0.10 16.74
C LEU A 70 2.35 -0.35 15.91
N ALA A 71 2.48 0.33 14.74
CA ALA A 71 3.66 0.25 13.88
C ALA A 71 4.90 0.72 14.64
N ALA A 72 4.79 1.88 15.35
CA ALA A 72 5.89 2.45 16.15
C ALA A 72 6.28 1.50 17.27
N LEU A 73 5.30 0.85 17.93
CA LEU A 73 5.53 -0.13 19.00
C LEU A 73 6.29 -1.37 18.49
N ILE A 74 5.92 -1.89 17.28
CA ILE A 74 6.61 -3.02 16.64
C ILE A 74 8.07 -2.63 16.38
N THR A 75 8.29 -1.41 15.83
CA THR A 75 9.61 -0.84 15.54
C THR A 75 10.49 -0.79 16.78
N SER A 76 9.92 -0.40 17.96
CA SER A 76 10.65 -0.33 19.23
C SER A 76 11.21 -1.71 19.69
N HIS A 77 10.62 -2.81 19.16
CA HIS A 77 11.03 -4.18 19.49
C HIS A 77 11.98 -4.76 18.42
N ARG A 78 12.41 -3.94 17.46
CA ARG A 78 13.34 -4.37 16.41
C ARG A 78 14.71 -4.72 16.98
N GLU A 79 15.18 -5.94 16.69
CA GLU A 79 16.49 -6.46 17.10
C GLU A 79 17.58 -5.70 16.39
N ALA A 80 18.76 -5.59 17.01
CA ALA A 80 19.93 -4.89 16.44
C ALA A 80 20.38 -5.59 15.15
N GLY A 81 20.87 -4.80 14.20
CA GLY A 81 21.33 -5.29 12.91
C GLY A 81 20.24 -5.83 11.99
N THR A 82 19.01 -5.28 12.09
CA THR A 82 17.86 -5.63 11.25
C THR A 82 17.68 -4.52 10.22
N GLU A 83 17.75 -4.87 8.93
CA GLU A 83 17.64 -3.94 7.82
C GLU A 83 16.17 -3.68 7.48
N ALA A 84 15.75 -2.42 7.60
CA ALA A 84 14.37 -2.02 7.32
C ALA A 84 14.18 -1.66 5.84
N LEU A 85 13.25 -2.37 5.19
CA LEU A 85 12.88 -2.14 3.79
C LEU A 85 11.38 -1.95 3.70
N ARG A 86 10.94 -1.00 2.87
CA ARG A 86 9.53 -0.76 2.68
C ARG A 86 9.16 -1.03 1.25
N PHE A 87 8.22 -1.93 1.06
CA PHE A 87 7.84 -2.33 -0.29
C PHE A 87 6.58 -1.66 -0.77
N PRO A 88 6.48 -1.36 -2.09
CA PRO A 88 5.22 -0.80 -2.61
C PRO A 88 4.14 -1.90 -2.66
N PRO A 89 2.87 -1.56 -3.01
CA PRO A 89 1.82 -2.60 -3.02
C PRO A 89 1.89 -3.60 -4.18
N VAL A 90 2.87 -3.42 -5.10
CA VAL A 90 3.04 -4.29 -6.25
C VAL A 90 4.43 -4.89 -6.21
N MET A 91 4.61 -6.03 -6.90
CA MET A 91 5.91 -6.70 -7.02
C MET A 91 5.96 -7.43 -8.37
N SER A 92 7.13 -7.92 -8.75
CA SER A 92 7.37 -8.66 -9.98
C SER A 92 6.51 -9.93 -10.02
N ARG A 93 5.75 -10.10 -11.11
CA ARG A 93 4.92 -11.29 -11.29
C ARG A 93 5.83 -12.53 -11.43
N ALA A 94 6.94 -12.42 -12.18
CA ALA A 94 7.91 -13.52 -12.37
C ALA A 94 8.52 -13.98 -11.03
N GLN A 95 8.89 -13.03 -10.12
CA GLN A 95 9.41 -13.37 -8.80
C GLN A 95 8.36 -14.13 -7.98
N LEU A 96 7.09 -13.70 -8.08
CA LEU A 96 6.03 -14.38 -7.35
C LEU A 96 5.75 -15.77 -7.91
N GLU A 97 5.74 -15.89 -9.25
CA GLU A 97 5.55 -17.18 -9.93
C GLU A 97 6.65 -18.16 -9.47
N LYS A 98 7.91 -17.70 -9.51
CA LYS A 98 9.10 -18.44 -9.09
C LYS A 98 9.06 -18.83 -7.59
N SER A 99 8.41 -18.00 -6.74
CA SER A 99 8.25 -18.25 -5.30
C SER A 99 7.23 -19.37 -4.97
N GLY A 100 6.56 -19.88 -6.02
CA GLY A 100 5.57 -20.95 -5.94
C GLY A 100 4.21 -20.58 -5.39
N TYR A 101 3.84 -19.26 -5.36
CA TYR A 101 2.55 -18.78 -4.85
C TYR A 101 1.37 -19.40 -5.59
N LEU A 102 1.50 -19.70 -6.91
CA LEU A 102 0.45 -20.36 -7.72
C LEU A 102 0.16 -21.78 -7.31
N LYS A 103 1.19 -22.49 -6.78
CA LYS A 103 1.02 -23.86 -6.29
C LYS A 103 0.25 -23.87 -4.96
N SER A 104 0.22 -22.74 -4.23
CA SER A 104 -0.42 -22.64 -2.92
C SER A 104 -1.76 -21.88 -2.88
N PHE A 105 -1.79 -20.65 -3.34
CA PHE A 105 -3.02 -19.82 -3.25
C PHE A 105 -3.33 -19.13 -4.60
N PRO A 106 -3.55 -19.89 -5.70
CA PRO A 106 -3.84 -19.24 -6.99
C PRO A 106 -5.10 -18.39 -6.98
N ASN A 107 -6.09 -18.82 -6.18
CA ASN A 107 -7.41 -18.19 -5.97
C ASN A 107 -7.29 -16.82 -5.28
N LEU A 108 -6.21 -16.57 -4.51
CA LEU A 108 -6.06 -15.33 -3.76
C LEU A 108 -5.33 -14.24 -4.49
N LEU A 109 -4.56 -14.61 -5.54
CA LEU A 109 -3.72 -13.68 -6.26
C LEU A 109 -4.43 -12.59 -7.03
N GLY A 110 -4.01 -11.36 -6.79
CA GLY A 110 -4.44 -10.17 -7.54
C GLY A 110 -3.34 -9.82 -8.51
N CYS A 111 -3.64 -9.93 -9.82
CA CYS A 111 -2.71 -9.65 -10.92
C CYS A 111 -3.02 -8.29 -11.53
N VAL A 112 -1.97 -7.54 -11.87
CA VAL A 112 -2.14 -6.24 -12.50
C VAL A 112 -2.35 -6.50 -14.02
N CYS A 113 -3.42 -5.94 -14.58
N CYS A 113 -3.43 -5.94 -14.57
CA CYS A 113 -3.72 -6.00 -16.01
CA CYS A 113 -3.84 -6.07 -15.98
C CYS A 113 -3.80 -4.60 -16.51
C CYS A 113 -4.08 -4.67 -16.57
N GLY A 114 -3.65 -4.46 -17.81
CA GLY A 114 -3.79 -3.17 -18.49
C GLY A 114 -4.11 -3.32 -19.96
N LEU A 115 -4.35 -2.19 -20.63
CA LEU A 115 -4.57 -2.10 -22.08
C LEU A 115 -3.18 -1.90 -22.68
N HIS A 116 -2.56 -3.01 -23.12
CA HIS A 116 -1.19 -3.08 -23.66
C HIS A 116 -1.17 -3.13 -25.19
N GLY A 117 -2.32 -3.00 -25.82
CA GLY A 117 -2.43 -3.07 -27.27
C GLY A 117 -1.96 -1.84 -28.00
N THR A 118 -2.30 -1.77 -29.30
CA THR A 118 -1.98 -0.64 -30.18
C THR A 118 -2.93 0.51 -29.87
N GLU A 119 -2.60 1.72 -30.36
CA GLU A 119 -3.43 2.92 -30.16
C GLU A 119 -4.87 2.67 -30.67
N ARG A 120 -5.01 1.97 -31.81
CA ARG A 120 -6.29 1.63 -32.43
C ARG A 120 -7.10 0.70 -31.52
N GLU A 121 -6.45 -0.34 -30.95
CA GLU A 121 -7.08 -1.31 -30.04
C GLU A 121 -7.53 -0.65 -28.74
N ILE A 122 -6.70 0.28 -28.20
CA ILE A 122 -7.00 1.02 -26.98
C ILE A 122 -8.18 1.96 -27.21
N ASN A 123 -8.15 2.74 -28.31
CA ASN A 123 -9.25 3.64 -28.68
C ASN A 123 -10.57 2.87 -28.85
N ALA A 124 -10.51 1.68 -29.50
CA ALA A 124 -11.68 0.82 -29.72
C ALA A 124 -12.25 0.32 -28.39
N ALA A 125 -11.36 -0.08 -27.44
CA ALA A 125 -11.74 -0.53 -26.09
C ALA A 125 -12.54 0.56 -25.38
N VAL A 126 -12.00 1.80 -25.36
CA VAL A 126 -12.61 2.97 -24.74
C VAL A 126 -13.95 3.29 -25.40
N SER A 127 -14.03 3.18 -26.75
CA SER A 127 -15.26 3.43 -27.52
C SER A 127 -16.35 2.45 -27.13
N ARG A 128 -15.99 1.17 -26.90
CA ARG A 128 -16.95 0.15 -26.46
C ARG A 128 -17.53 0.53 -25.10
N PHE A 129 -16.66 1.01 -24.18
CA PHE A 129 -17.05 1.47 -22.86
C PHE A 129 -18.03 2.65 -22.96
N ASP A 130 -17.77 3.61 -23.88
CA ASP A 130 -18.65 4.76 -24.13
C ASP A 130 -20.02 4.32 -24.66
N ALA A 131 -20.06 3.24 -25.46
CA ALA A 131 -21.29 2.70 -26.04
C ALA A 131 -21.98 1.63 -25.16
N GLY A 132 -21.72 1.67 -23.86
CA GLY A 132 -22.28 0.76 -22.86
C GLY A 132 -21.79 -0.68 -22.89
N GLY A 133 -20.71 -0.93 -23.65
CA GLY A 133 -20.09 -2.24 -23.79
C GLY A 133 -18.98 -2.47 -22.79
N ASP A 134 -18.23 -3.58 -22.98
CA ASP A 134 -17.15 -4.03 -22.09
C ASP A 134 -15.74 -3.77 -22.62
N TRP A 135 -15.05 -2.77 -22.06
CA TRP A 135 -13.68 -2.42 -22.42
C TRP A 135 -12.67 -3.45 -21.89
N THR A 136 -13.03 -4.18 -20.80
CA THR A 136 -12.13 -5.13 -20.14
C THR A 136 -11.65 -6.30 -20.97
N THR A 137 -12.33 -6.60 -22.11
CA THR A 137 -11.92 -7.69 -23.00
C THR A 137 -10.55 -7.43 -23.61
N SER A 138 -10.13 -6.16 -23.66
CA SER A 138 -8.84 -5.76 -24.20
C SER A 138 -7.70 -5.78 -23.15
N LEU A 139 -8.00 -6.18 -21.89
CA LEU A 139 -6.97 -6.25 -20.85
C LEU A 139 -6.05 -7.45 -21.07
N SER A 140 -4.78 -7.29 -20.72
CA SER A 140 -3.80 -8.37 -20.78
C SER A 140 -2.94 -8.24 -19.53
N PRO A 141 -2.39 -9.33 -18.97
CA PRO A 141 -1.61 -9.18 -17.74
C PRO A 141 -0.34 -8.36 -17.91
N ALA A 142 0.01 -7.61 -16.86
CA ALA A 142 1.25 -6.83 -16.80
C ALA A 142 2.34 -7.80 -16.25
N ASP A 143 3.55 -7.31 -16.07
CA ASP A 143 4.67 -8.03 -15.47
C ASP A 143 4.62 -7.85 -13.91
N LEU A 144 3.48 -7.36 -13.38
CA LEU A 144 3.30 -7.08 -11.95
C LEU A 144 2.07 -7.73 -11.37
N VAL A 145 2.14 -8.02 -10.08
CA VAL A 145 1.04 -8.53 -9.26
C VAL A 145 0.94 -7.62 -8.02
N LEU A 146 -0.22 -7.63 -7.37
CA LEU A 146 -0.40 -6.97 -6.09
C LEU A 146 0.22 -7.98 -5.09
N SER A 147 1.12 -7.52 -4.22
N SER A 147 1.13 -7.52 -4.21
CA SER A 147 1.82 -8.39 -3.25
CA SER A 147 1.82 -8.39 -3.24
C SER A 147 0.89 -9.12 -2.28
C SER A 147 0.87 -9.13 -2.28
N PRO A 148 0.93 -10.47 -2.21
CA PRO A 148 0.04 -11.19 -1.28
C PRO A 148 0.58 -11.33 0.15
N ALA A 149 1.87 -11.06 0.33
CA ALA A 149 2.58 -11.10 1.62
C ALA A 149 3.76 -10.16 1.50
N ALA A 150 4.07 -9.43 2.57
CA ALA A 150 5.13 -8.43 2.59
C ALA A 150 6.54 -8.96 2.32
N CYS A 151 6.87 -10.16 2.77
CA CYS A 151 8.24 -10.67 2.67
C CYS A 151 8.74 -11.14 1.30
N TYR A 152 7.85 -11.62 0.41
CA TYR A 152 8.20 -12.14 -0.93
C TYR A 152 9.33 -11.41 -1.67
N PRO A 153 9.31 -10.06 -1.84
CA PRO A 153 10.41 -9.41 -2.55
C PRO A 153 11.77 -9.43 -1.84
N VAL A 154 11.81 -9.74 -0.53
CA VAL A 154 13.07 -9.70 0.21
C VAL A 154 14.09 -10.79 -0.14
N TYR A 155 13.60 -11.99 -0.49
CA TYR A 155 14.44 -13.17 -0.81
C TYR A 155 15.32 -12.96 -2.03
N PRO A 156 14.81 -12.48 -3.20
CA PRO A 156 15.74 -12.16 -4.31
C PRO A 156 16.72 -11.03 -3.98
N ILE A 157 16.31 -10.09 -3.11
CA ILE A 157 17.17 -8.98 -2.67
C ILE A 157 18.37 -9.53 -1.86
N ALA A 158 18.10 -10.41 -0.89
CA ALA A 158 19.15 -11.01 -0.06
C ALA A 158 20.09 -11.91 -0.91
N ALA A 159 19.55 -12.65 -1.89
CA ALA A 159 20.30 -13.56 -2.76
C ALA A 159 21.31 -12.85 -3.66
N SER A 160 20.99 -11.61 -4.09
CA SER A 160 21.83 -10.78 -4.97
C SER A 160 23.13 -10.31 -4.28
N ARG A 161 23.21 -10.45 -2.96
CA ARG A 161 24.34 -10.03 -2.10
C ARG A 161 25.39 -11.13 -1.90
N GLY A 162 25.13 -12.31 -2.44
CA GLY A 162 26.04 -13.44 -2.33
C GLY A 162 25.82 -14.25 -1.07
N PRO A 163 26.83 -15.04 -0.64
CA PRO A 163 26.66 -15.88 0.57
C PRO A 163 26.41 -15.08 1.84
N LEU A 164 25.56 -15.64 2.71
CA LEU A 164 25.18 -15.01 3.98
C LEU A 164 26.34 -14.99 4.95
N PRO A 165 26.44 -13.94 5.81
CA PRO A 165 27.49 -13.97 6.84
C PRO A 165 27.06 -14.94 7.95
N LYS A 166 27.96 -15.24 8.92
CA LYS A 166 27.61 -16.10 10.05
C LYS A 166 26.55 -15.36 10.86
N GLY A 167 25.53 -16.11 11.29
CA GLY A 167 24.40 -15.53 12.03
C GLY A 167 23.25 -15.14 11.12
N GLY A 168 23.51 -15.07 9.81
CA GLY A 168 22.54 -14.77 8.76
C GLY A 168 22.17 -13.31 8.60
N LEU A 169 21.03 -13.04 7.95
CA LEU A 169 20.52 -11.68 7.74
C LEU A 169 19.15 -11.53 8.39
N ARG A 170 18.86 -10.32 8.86
CA ARG A 170 17.57 -9.98 9.47
C ARG A 170 16.96 -8.78 8.76
N PHE A 171 15.69 -8.89 8.37
CA PHE A 171 15.02 -7.79 7.70
C PHE A 171 13.72 -7.39 8.38
N ASP A 172 13.39 -6.12 8.29
CA ASP A 172 12.15 -5.54 8.78
C ASP A 172 11.47 -5.07 7.50
N VAL A 173 10.34 -5.69 7.14
CA VAL A 173 9.64 -5.38 5.88
C VAL A 173 8.19 -5.01 6.14
N ALA A 174 7.59 -4.25 5.22
CA ALA A 174 6.20 -3.89 5.29
C ALA A 174 5.69 -3.64 3.87
N ALA A 175 4.40 -3.86 3.68
CA ALA A 175 3.72 -3.61 2.40
C ALA A 175 2.22 -3.67 2.65
N ASP A 176 1.49 -3.02 1.75
CA ASP A 176 0.05 -3.10 1.66
C ASP A 176 -0.11 -4.32 0.76
N CYS A 177 -0.72 -5.34 1.33
CA CYS A 177 -0.92 -6.62 0.68
C CYS A 177 -2.31 -6.76 0.11
N PHE A 178 -2.46 -7.69 -0.84
CA PHE A 178 -3.74 -7.98 -1.44
C PHE A 178 -4.01 -9.46 -1.47
N ARG A 179 -5.22 -9.87 -1.04
CA ARG A 179 -5.68 -11.26 -1.13
C ARG A 179 -7.11 -11.18 -1.58
N ARG A 180 -7.44 -11.94 -2.65
N ARG A 180 -7.43 -11.92 -2.66
CA ARG A 180 -8.78 -11.96 -3.24
CA ARG A 180 -8.75 -11.91 -3.27
C ARG A 180 -9.71 -12.78 -2.37
C ARG A 180 -9.74 -12.72 -2.44
N GLU A 181 -10.10 -12.17 -1.25
CA GLU A 181 -11.04 -12.79 -0.32
C GLU A 181 -12.11 -11.82 0.17
N PRO A 182 -13.08 -11.49 -0.73
CA PRO A 182 -14.15 -10.55 -0.35
C PRO A 182 -14.97 -11.03 0.84
N SER A 183 -15.18 -10.14 1.79
CA SER A 183 -15.98 -10.42 2.98
C SER A 183 -16.47 -9.08 3.52
N LYS A 184 -17.57 -9.11 4.27
CA LYS A 184 -18.11 -7.92 4.94
C LYS A 184 -17.56 -7.83 6.37
N HIS A 185 -16.78 -8.84 6.82
CA HIS A 185 -16.20 -8.85 8.16
C HIS A 185 -14.99 -7.95 8.20
N LEU A 186 -14.91 -7.10 9.23
CA LEU A 186 -13.85 -6.10 9.42
C LEU A 186 -12.47 -6.67 9.64
N ASP A 187 -12.39 -7.97 10.00
CA ASP A 187 -11.11 -8.66 10.20
C ASP A 187 -10.75 -9.51 8.97
N ARG A 188 -11.48 -9.38 7.86
CA ARG A 188 -11.19 -10.11 6.63
C ARG A 188 -11.24 -9.11 5.50
N LEU A 189 -10.05 -8.58 5.17
CA LEU A 189 -9.95 -7.56 4.14
C LEU A 189 -9.34 -8.07 2.86
N GLN A 190 -9.50 -7.30 1.78
CA GLN A 190 -8.87 -7.61 0.51
C GLN A 190 -7.54 -6.88 0.42
N SER A 191 -7.50 -5.62 0.89
CA SER A 191 -6.30 -4.80 0.93
C SER A 191 -5.97 -4.52 2.39
N PHE A 192 -4.80 -4.94 2.86
CA PHE A 192 -4.45 -4.81 4.28
C PHE A 192 -2.92 -4.69 4.43
N ARG A 193 -2.48 -4.03 5.50
CA ARG A 193 -1.09 -3.81 5.81
C ARG A 193 -0.48 -4.98 6.54
N MET A 194 0.68 -5.42 6.09
CA MET A 194 1.41 -6.48 6.74
C MET A 194 2.78 -5.94 7.08
N ARG A 195 3.26 -6.26 8.29
CA ARG A 195 4.56 -5.86 8.79
C ARG A 195 5.26 -7.15 9.22
N GLU A 196 6.54 -7.32 8.84
CA GLU A 196 7.23 -8.55 9.22
C GLU A 196 8.67 -8.38 9.60
N TYR A 197 9.18 -9.29 10.44
CA TYR A 197 10.59 -9.45 10.74
C TYR A 197 10.96 -10.79 10.07
N VAL A 198 11.99 -10.80 9.23
CA VAL A 198 12.39 -11.95 8.43
C VAL A 198 13.79 -12.43 8.79
N CYS A 199 13.96 -13.74 8.98
CA CYS A 199 15.28 -14.31 9.26
C CYS A 199 15.73 -15.17 8.09
N ILE A 200 16.95 -14.92 7.61
CA ILE A 200 17.57 -15.70 6.53
C ILE A 200 18.94 -16.19 7.05
N GLY A 201 19.11 -17.50 7.13
CA GLY A 201 20.34 -18.12 7.63
C GLY A 201 20.28 -19.63 7.71
N THR A 202 20.93 -20.19 8.75
CA THR A 202 20.95 -21.63 8.98
C THR A 202 19.64 -22.05 9.65
N PRO A 203 19.28 -23.37 9.68
CA PRO A 203 18.07 -23.78 10.41
C PRO A 203 18.09 -23.33 11.87
N ASP A 204 19.30 -23.24 12.49
CA ASP A 204 19.49 -22.79 13.88
C ASP A 204 19.15 -21.30 14.05
N ASP A 205 19.67 -20.44 13.14
CA ASP A 205 19.40 -19.00 13.11
C ASP A 205 17.88 -18.75 13.08
N VAL A 206 17.20 -19.40 12.12
CA VAL A 206 15.75 -19.29 11.90
C VAL A 206 14.94 -19.80 13.08
N SER A 207 15.32 -20.98 13.59
CA SER A 207 14.63 -21.61 14.72
C SER A 207 14.74 -20.76 15.99
N ASP A 208 15.95 -20.22 16.30
CA ASP A 208 16.14 -19.36 17.49
C ASP A 208 15.29 -18.10 17.35
N PHE A 209 15.31 -17.49 16.14
CA PHE A 209 14.56 -16.28 15.79
C PHE A 209 13.07 -16.48 16.03
N ARG A 210 12.49 -17.59 15.57
CA ARG A 210 11.07 -17.86 15.74
C ARG A 210 10.65 -18.04 17.18
N GLU A 211 11.44 -18.79 17.97
CA GLU A 211 11.15 -19.05 19.40
C GLU A 211 11.22 -17.74 20.19
N ARG A 212 12.28 -16.94 19.94
CA ARG A 212 12.55 -15.60 20.50
C ARG A 212 11.32 -14.68 20.21
N TRP A 213 10.83 -14.66 18.94
CA TRP A 213 9.68 -13.88 18.51
C TRP A 213 8.36 -14.38 18.99
N MET A 214 8.21 -15.69 19.22
CA MET A 214 6.96 -16.22 19.77
C MET A 214 6.80 -15.79 21.24
N VAL A 215 7.93 -15.62 21.94
CA VAL A 215 7.94 -15.14 23.32
C VAL A 215 7.62 -13.62 23.33
N ARG A 216 8.37 -12.83 22.54
CA ARG A 216 8.26 -11.38 22.39
C ARG A 216 6.86 -10.94 21.92
N ALA A 217 6.29 -11.61 20.89
CA ALA A 217 4.97 -11.26 20.35
C ALA A 217 3.87 -11.44 21.40
N GLN A 218 4.00 -12.45 22.28
CA GLN A 218 3.06 -12.70 23.37
C GLN A 218 3.17 -11.59 24.41
N ALA A 219 4.40 -11.16 24.72
CA ALA A 219 4.66 -10.06 25.66
C ALA A 219 4.06 -8.76 25.09
N ILE A 220 4.15 -8.54 23.76
CA ILE A 220 3.57 -7.38 23.10
C ILE A 220 2.03 -7.38 23.23
N ALA A 221 1.37 -8.51 22.91
CA ALA A 221 -0.10 -8.60 22.99
C ALA A 221 -0.61 -8.42 24.43
N ARG A 222 0.18 -8.87 25.41
CA ARG A 222 -0.09 -8.76 26.85
C ARG A 222 -0.06 -7.27 27.23
N ASP A 223 1.01 -6.56 26.80
CA ASP A 223 1.21 -5.12 27.00
C ASP A 223 0.08 -4.31 26.39
N LEU A 224 -0.55 -4.82 25.32
CA LEU A 224 -1.67 -4.21 24.61
C LEU A 224 -3.02 -4.50 25.24
N GLY A 225 -3.04 -5.32 26.29
CA GLY A 225 -4.27 -5.67 27.00
C GLY A 225 -5.15 -6.59 26.19
N LEU A 226 -4.54 -7.33 25.25
CA LEU A 226 -5.27 -8.25 24.37
C LEU A 226 -5.32 -9.65 24.94
N THR A 227 -6.45 -10.35 24.73
CA THR A 227 -6.63 -11.75 25.14
C THR A 227 -6.23 -12.61 23.95
N PHE A 228 -5.40 -13.62 24.19
CA PHE A 228 -4.91 -14.45 23.10
C PHE A 228 -4.46 -15.85 23.52
N ARG A 229 -4.14 -16.67 22.51
CA ARG A 229 -3.54 -17.98 22.58
C ARG A 229 -2.68 -18.15 21.34
N VAL A 230 -1.52 -18.82 21.47
CA VAL A 230 -0.64 -19.12 20.35
C VAL A 230 -0.86 -20.59 20.06
N ASP A 231 -1.27 -20.91 18.83
CA ASP A 231 -1.56 -22.29 18.47
C ASP A 231 -0.93 -22.69 17.15
N TYR A 232 -0.75 -24.03 16.95
CA TYR A 232 -0.28 -24.63 15.70
C TYR A 232 -1.30 -24.21 14.62
N ALA A 233 -0.79 -23.92 13.44
CA ALA A 233 -1.66 -23.45 12.35
C ALA A 233 -1.26 -24.00 11.00
N SER A 234 -2.10 -23.73 10.01
CA SER A 234 -1.83 -24.05 8.62
C SER A 234 -2.38 -22.95 7.73
N ASP A 235 -1.68 -22.70 6.62
CA ASP A 235 -2.09 -21.74 5.61
C ASP A 235 -3.34 -22.27 4.89
N PRO A 236 -4.24 -21.41 4.32
CA PRO A 236 -5.41 -21.96 3.62
C PRO A 236 -5.06 -22.38 2.17
N PHE A 237 -4.23 -23.45 2.02
CA PHE A 237 -3.81 -23.97 0.72
C PHE A 237 -5.01 -24.34 -0.15
N PHE A 238 -4.96 -23.95 -1.44
CA PHE A 238 -6.06 -24.15 -2.37
C PHE A 238 -6.33 -25.58 -2.83
N GLY A 239 -7.62 -25.88 -2.98
CA GLY A 239 -8.11 -27.15 -3.53
C GLY A 239 -7.86 -28.40 -2.72
N ARG A 240 -8.15 -29.55 -3.36
CA ARG A 240 -8.01 -30.90 -2.80
C ARG A 240 -6.63 -31.21 -2.21
N VAL A 241 -5.55 -30.93 -2.97
CA VAL A 241 -4.18 -31.12 -2.52
C VAL A 241 -3.88 -30.18 -1.30
N GLY A 242 -4.48 -28.99 -1.32
CA GLY A 242 -4.40 -27.99 -0.28
C GLY A 242 -4.77 -28.50 1.11
N GLN A 243 -5.77 -29.42 1.18
CA GLN A 243 -6.18 -30.04 2.44
C GLN A 243 -5.06 -30.94 3.02
N MET A 244 -4.37 -31.66 2.12
CA MET A 244 -3.24 -32.54 2.45
C MET A 244 -2.02 -31.70 2.84
N LYS A 245 -1.76 -30.61 2.09
CA LYS A 245 -0.65 -29.69 2.33
C LYS A 245 -0.79 -29.01 3.71
N ALA A 246 -2.05 -28.66 4.09
CA ALA A 246 -2.39 -28.02 5.37
C ALA A 246 -2.15 -28.95 6.58
N VAL A 247 -2.66 -30.20 6.49
CA VAL A 247 -2.50 -31.22 7.53
C VAL A 247 -1.01 -31.51 7.74
N SER A 248 -0.26 -31.60 6.63
CA SER A 248 1.18 -31.83 6.60
C SER A 248 1.93 -30.63 7.23
N GLN A 249 1.52 -29.39 6.89
CA GLN A 249 2.13 -28.17 7.47
C GLN A 249 1.88 -28.10 8.99
N LYS A 250 0.64 -28.35 9.42
CA LYS A 250 0.25 -28.33 10.83
C LYS A 250 1.07 -29.34 11.68
N GLN A 251 1.18 -30.60 11.20
CA GLN A 251 1.93 -31.66 11.89
C GLN A 251 3.40 -31.31 12.04
N GLN A 252 3.99 -30.69 10.99
CA GLN A 252 5.39 -30.26 10.95
C GLN A 252 5.66 -29.02 11.81
N GLN A 253 4.58 -28.36 12.33
CA GLN A 253 4.62 -27.17 13.18
C GLN A 253 5.37 -26.01 12.51
N LEU A 254 5.27 -25.92 11.18
CA LEU A 254 5.93 -24.89 10.38
C LEU A 254 5.22 -23.53 10.48
N LYS A 255 4.01 -23.50 11.08
CA LYS A 255 3.24 -22.27 11.26
C LYS A 255 2.50 -22.21 12.60
N PHE A 256 2.72 -21.13 13.34
CA PHE A 256 1.98 -20.78 14.56
C PHE A 256 1.28 -19.42 14.31
N GLU A 257 0.16 -19.20 15.00
CA GLU A 257 -0.63 -17.96 14.94
C GLU A 257 -0.95 -17.49 16.33
N LEU A 258 -1.02 -16.16 16.51
CA LEU A 258 -1.46 -15.55 17.75
C LEU A 258 -2.91 -15.24 17.48
N LEU A 259 -3.81 -15.97 18.14
CA LEU A 259 -5.26 -15.85 17.90
C LEU A 259 -5.93 -15.06 18.97
N ILE A 260 -6.77 -14.10 18.57
CA ILE A 260 -7.49 -13.21 19.47
C ILE A 260 -8.99 -13.39 19.25
N PRO A 261 -9.79 -13.67 20.30
CA PRO A 261 -11.24 -13.78 20.10
C PRO A 261 -11.85 -12.43 19.73
N LEU A 262 -12.40 -12.32 18.53
CA LEU A 262 -13.04 -11.08 18.11
C LEU A 262 -14.56 -11.29 18.05
N ARG A 263 -14.96 -12.57 17.93
CA ARG A 263 -16.36 -13.03 17.91
C ARG A 263 -16.63 -14.01 19.05
N SER A 264 -15.70 -14.96 19.25
CA SER A 264 -15.78 -16.04 20.24
C SER A 264 -14.40 -16.67 20.41
N GLU A 265 -14.23 -17.48 21.48
CA GLU A 265 -13.01 -18.24 21.73
C GLU A 265 -13.01 -19.43 20.76
N GLU A 266 -14.23 -19.83 20.32
CA GLU A 266 -14.50 -20.90 19.38
C GLU A 266 -13.85 -20.60 18.04
N GLN A 267 -14.04 -19.35 17.53
CA GLN A 267 -13.49 -18.90 16.24
C GLN A 267 -12.65 -17.63 16.41
N PRO A 268 -11.41 -17.70 16.95
CA PRO A 268 -10.61 -16.48 17.12
C PRO A 268 -9.96 -16.01 15.82
N THR A 269 -9.44 -14.77 15.81
CA THR A 269 -8.79 -14.19 14.64
C THR A 269 -7.28 -14.21 14.74
N ALA A 270 -6.60 -14.75 13.73
CA ALA A 270 -5.14 -14.81 13.66
C ALA A 270 -4.61 -13.42 13.34
N CYS A 271 -3.98 -12.76 14.33
CA CYS A 271 -3.49 -11.39 14.21
C CYS A 271 -2.00 -11.28 13.98
N MET A 272 -1.29 -12.41 14.16
CA MET A 272 0.13 -12.53 13.91
C MET A 272 0.39 -13.96 13.46
N SER A 273 1.50 -14.19 12.72
CA SER A 273 1.89 -15.53 12.32
C SER A 273 3.38 -15.68 12.51
N PHE A 274 3.83 -16.92 12.79
CA PHE A 274 5.24 -17.30 13.01
C PHE A 274 5.49 -18.45 12.06
N ASN A 275 6.13 -18.14 10.94
CA ASN A 275 6.31 -19.07 9.84
C ASN A 275 7.75 -19.54 9.67
N TYR A 276 7.92 -20.85 9.52
CA TYR A 276 9.24 -21.45 9.25
C TYR A 276 9.13 -22.01 7.85
N HIS A 277 9.92 -21.47 6.90
CA HIS A 277 9.86 -21.88 5.48
C HIS A 277 10.85 -23.00 5.09
N ARG A 278 11.71 -23.46 6.04
CA ARG A 278 12.78 -24.43 5.80
C ARG A 278 13.67 -23.85 4.69
N GLU A 279 14.01 -24.61 3.62
CA GLU A 279 14.89 -24.09 2.57
C GLU A 279 14.18 -23.66 1.27
N HIS A 280 12.83 -23.60 1.28
CA HIS A 280 12.02 -23.21 0.10
C HIS A 280 12.58 -21.98 -0.63
N PHE A 281 12.73 -20.84 0.08
CA PHE A 281 13.24 -19.61 -0.54
C PHE A 281 14.73 -19.64 -0.80
N GLY A 282 15.49 -20.29 0.08
CA GLY A 282 16.95 -20.44 -0.06
C GLY A 282 17.30 -21.21 -1.32
N THR A 283 16.54 -22.28 -1.60
CA THR A 283 16.68 -23.11 -2.81
C THR A 283 16.23 -22.35 -4.06
N THR A 284 15.02 -21.73 -4.01
CA THR A 284 14.44 -20.96 -5.11
C THR A 284 15.36 -19.87 -5.60
N TRP A 285 15.93 -19.10 -4.65
CA TRP A 285 16.79 -17.96 -5.00
C TRP A 285 18.27 -18.19 -4.97
N GLY A 286 18.68 -19.40 -4.63
CA GLY A 286 20.10 -19.75 -4.52
C GLY A 286 20.77 -19.01 -3.40
N ILE A 287 20.09 -18.91 -2.25
CA ILE A 287 20.68 -18.24 -1.09
C ILE A 287 21.53 -19.29 -0.38
N GLN A 288 22.83 -19.02 -0.30
CA GLN A 288 23.80 -19.89 0.36
C GLN A 288 24.09 -19.34 1.75
N ASP A 289 23.99 -20.20 2.79
CA ASP A 289 24.36 -19.78 4.14
C ASP A 289 25.91 -19.74 4.30
N ALA A 290 26.42 -19.39 5.50
CA ALA A 290 27.86 -19.30 5.78
C ALA A 290 28.63 -20.64 5.59
N ASN A 291 27.89 -21.79 5.68
CA ASN A 291 28.38 -23.16 5.51
C ASN A 291 28.24 -23.66 4.05
N GLY A 292 27.92 -22.76 3.11
CA GLY A 292 27.70 -23.08 1.70
C GLY A 292 26.44 -23.90 1.41
N GLU A 293 25.57 -24.07 2.43
CA GLU A 293 24.32 -24.84 2.31
C GLU A 293 23.11 -23.96 1.90
N PRO A 294 22.04 -24.52 1.27
CA PRO A 294 20.87 -23.67 0.94
C PRO A 294 20.26 -23.10 2.22
N ALA A 295 20.11 -21.78 2.25
CA ALA A 295 19.60 -21.05 3.42
C ALA A 295 18.19 -21.41 3.80
N HIS A 296 17.96 -21.44 5.10
CA HIS A 296 16.66 -21.61 5.69
C HIS A 296 16.09 -20.22 5.97
N THR A 297 14.76 -20.08 5.89
CA THR A 297 14.10 -18.79 6.14
C THR A 297 12.88 -18.93 7.03
N GLY A 298 12.57 -17.84 7.73
CA GLY A 298 11.44 -17.74 8.62
C GLY A 298 10.97 -16.30 8.70
N CYS A 299 9.72 -16.09 9.09
CA CYS A 299 9.20 -14.73 9.24
C CYS A 299 8.18 -14.63 10.34
N VAL A 300 8.15 -13.49 11.03
CA VAL A 300 7.16 -13.16 12.07
C VAL A 300 6.33 -12.03 11.45
N ALA A 301 5.04 -12.29 11.17
CA ALA A 301 4.17 -11.33 10.48
C ALA A 301 3.09 -10.76 11.37
N PHE A 302 2.94 -9.42 11.35
CA PHE A 302 1.93 -8.72 12.13
C PHE A 302 0.87 -8.19 11.19
N GLY A 303 -0.37 -8.59 11.43
CA GLY A 303 -1.52 -8.13 10.65
C GLY A 303 -1.93 -6.80 11.24
N MET A 304 -1.42 -5.70 10.66
CA MET A 304 -1.63 -4.33 11.15
C MET A 304 -3.07 -3.95 11.33
N ASP A 305 -3.90 -4.29 10.35
CA ASP A 305 -5.32 -4.01 10.35
C ASP A 305 -6.08 -4.90 11.34
N ARG A 306 -5.67 -6.17 11.47
CA ARG A 306 -6.30 -7.07 12.44
C ARG A 306 -5.98 -6.68 13.87
N LEU A 307 -4.73 -6.24 14.11
CA LEU A 307 -4.28 -5.81 15.42
C LEU A 307 -5.01 -4.52 15.83
N ALA A 308 -5.19 -3.58 14.87
CA ALA A 308 -5.90 -2.32 15.12
C ALA A 308 -7.37 -2.61 15.45
N VAL A 309 -8.04 -3.47 14.66
CA VAL A 309 -9.43 -3.87 14.89
C VAL A 309 -9.55 -4.59 16.24
N ALA A 310 -8.56 -5.45 16.58
CA ALA A 310 -8.54 -6.13 17.87
C ALA A 310 -8.48 -5.12 19.03
N MET A 311 -7.65 -4.06 18.90
CA MET A 311 -7.51 -2.99 19.89
C MET A 311 -8.81 -2.24 20.14
N PHE A 312 -9.52 -1.86 19.06
CA PHE A 312 -10.78 -1.15 19.17
C PHE A 312 -11.89 -2.04 19.70
N HIS A 313 -11.91 -3.32 19.31
CA HIS A 313 -12.92 -4.26 19.79
C HIS A 313 -12.75 -4.48 21.30
N THR A 314 -11.50 -4.61 21.75
CA THR A 314 -11.12 -4.85 23.14
C THR A 314 -11.32 -3.61 24.03
N HIS A 315 -10.83 -2.45 23.58
CA HIS A 315 -10.83 -1.24 24.39
C HIS A 315 -11.81 -0.14 24.01
N GLY A 316 -12.52 -0.33 22.92
CA GLY A 316 -13.48 0.67 22.47
C GLY A 316 -12.85 1.78 21.64
N THR A 317 -13.71 2.62 21.06
CA THR A 317 -13.31 3.70 20.18
C THR A 317 -12.94 5.01 20.88
N ASP A 318 -13.08 5.09 22.21
CA ASP A 318 -12.72 6.28 23.00
C ASP A 318 -11.33 6.04 23.59
N LEU A 319 -10.30 6.67 22.99
CA LEU A 319 -8.89 6.51 23.42
C LEU A 319 -8.61 6.96 24.84
N SER A 320 -9.33 8.00 25.33
CA SER A 320 -9.15 8.54 26.68
C SER A 320 -9.51 7.51 27.76
N ALA A 321 -10.37 6.55 27.43
CA ALA A 321 -10.82 5.47 28.33
C ALA A 321 -9.99 4.18 28.20
N TRP A 322 -8.97 4.15 27.33
CA TRP A 322 -8.12 2.96 27.18
C TRP A 322 -7.28 2.78 28.47
N PRO A 323 -6.91 1.53 28.90
CA PRO A 323 -6.11 1.41 30.14
C PRO A 323 -4.82 2.22 30.10
N ALA A 324 -4.44 2.79 31.26
CA ALA A 324 -3.24 3.64 31.43
C ALA A 324 -1.97 2.98 30.92
N LYS A 325 -1.78 1.69 31.25
CA LYS A 325 -0.65 0.85 30.84
C LYS A 325 -0.57 0.74 29.30
N VAL A 326 -1.73 0.52 28.64
CA VAL A 326 -1.92 0.42 27.17
C VAL A 326 -1.64 1.79 26.53
N ARG A 327 -2.24 2.87 27.07
CA ARG A 327 -2.05 4.26 26.60
C ARG A 327 -0.56 4.64 26.72
N ASP A 328 0.11 4.17 27.81
CA ASP A 328 1.52 4.45 28.06
C ASP A 328 2.41 3.75 27.04
N ILE A 329 2.23 2.43 26.82
CA ILE A 329 3.05 1.69 25.85
C ILE A 329 2.92 2.19 24.41
N LEU A 330 1.74 2.73 24.04
CA LEU A 330 1.48 3.30 22.71
C LEU A 330 1.85 4.78 22.60
N GLY A 331 2.30 5.38 23.71
CA GLY A 331 2.67 6.79 23.81
C GLY A 331 1.52 7.75 23.58
N LEU A 332 0.36 7.45 24.18
CA LEU A 332 -0.86 8.27 24.07
C LEU A 332 -1.01 9.26 25.22
N ASP B 38 21.71 9.37 -16.43
CA ASP B 38 20.75 10.31 -15.84
C ASP B 38 21.31 10.88 -14.51
N PRO B 39 21.13 12.21 -14.24
CA PRO B 39 21.68 12.80 -13.01
C PRO B 39 21.27 12.18 -11.67
N LEU B 40 20.00 11.75 -11.57
CA LEU B 40 19.38 11.15 -10.39
C LEU B 40 19.92 9.74 -10.10
N ASP B 41 20.44 9.04 -11.13
CA ASP B 41 20.90 7.65 -11.03
C ASP B 41 21.71 7.23 -9.83
N HIS B 42 22.72 8.01 -9.42
CA HIS B 42 23.57 7.62 -8.29
C HIS B 42 22.81 7.52 -6.96
N LEU B 43 21.70 8.32 -6.81
CA LEU B 43 20.80 8.34 -5.64
C LEU B 43 20.29 6.93 -5.26
N ALA B 44 19.97 6.08 -6.27
CA ALA B 44 19.49 4.70 -6.08
C ALA B 44 20.26 3.86 -5.05
N ASP B 45 21.59 4.02 -4.99
N ASP B 45 21.60 4.00 -4.98
CA ASP B 45 22.49 3.30 -4.08
CA ASP B 45 22.45 3.24 -4.05
C ASP B 45 22.09 3.40 -2.60
C ASP B 45 22.08 3.40 -2.57
N LYS B 46 21.73 4.62 -2.15
CA LYS B 46 21.33 4.91 -0.77
C LYS B 46 19.80 4.87 -0.55
N LEU B 47 19.01 5.05 -1.61
CA LEU B 47 17.56 5.19 -1.52
C LEU B 47 16.72 3.96 -1.84
N PHE B 48 17.14 3.15 -2.83
CA PHE B 48 16.34 2.04 -3.33
C PHE B 48 17.08 0.74 -3.52
N HIS B 49 16.31 -0.34 -3.64
CA HIS B 49 16.77 -1.67 -4.01
C HIS B 49 15.86 -2.11 -5.15
N SER B 50 16.43 -2.80 -6.13
CA SER B 50 15.69 -3.29 -7.29
C SER B 50 14.69 -4.35 -6.89
N MET B 51 13.55 -4.36 -7.56
CA MET B 51 12.49 -5.34 -7.32
C MET B 51 12.17 -6.10 -8.61
N GLY B 52 13.06 -5.96 -9.59
CA GLY B 52 12.96 -6.63 -10.88
C GLY B 52 11.94 -6.02 -11.81
N SER B 53 11.64 -4.73 -11.64
CA SER B 53 10.68 -4.00 -12.46
C SER B 53 10.97 -2.53 -12.40
N ASP B 54 11.10 -1.89 -13.57
CA ASP B 54 11.37 -0.46 -13.70
C ASP B 54 10.28 0.37 -13.05
N GLY B 55 10.67 1.29 -12.18
CA GLY B 55 9.77 2.18 -11.47
C GLY B 55 9.05 1.56 -10.28
N VAL B 56 9.50 0.35 -9.87
CA VAL B 56 8.98 -0.37 -8.71
C VAL B 56 10.19 -0.71 -7.83
N TYR B 57 10.40 0.08 -6.76
CA TYR B 57 11.58 -0.13 -5.91
C TYR B 57 11.29 -0.32 -4.44
N ALA B 58 12.16 -1.10 -3.78
CA ALA B 58 12.15 -1.30 -2.33
C ALA B 58 12.78 -0.02 -1.78
N ARG B 59 12.23 0.49 -0.69
N ARG B 59 12.16 0.58 -0.75
CA ARG B 59 12.70 1.74 -0.12
CA ARG B 59 12.74 1.80 -0.17
C ARG B 59 13.55 1.54 1.14
C ARG B 59 13.56 1.53 1.09
N THR B 60 14.75 2.17 1.18
CA THR B 60 15.66 2.03 2.34
C THR B 60 15.12 2.84 3.53
N ALA B 61 15.66 2.57 4.74
CA ALA B 61 15.29 3.29 5.96
C ALA B 61 15.59 4.79 5.81
N LEU B 62 16.68 5.15 5.13
CA LEU B 62 17.03 6.55 4.86
C LEU B 62 15.94 7.26 4.02
N TYR B 63 15.58 6.68 2.88
CA TYR B 63 14.55 7.25 1.99
C TYR B 63 13.19 7.39 2.70
N GLU B 64 12.74 6.31 3.38
N GLU B 64 12.74 6.30 3.37
CA GLU B 64 11.46 6.28 4.11
CA GLU B 64 11.47 6.25 4.08
C GLU B 64 11.38 7.30 5.22
C GLU B 64 11.38 7.27 5.23
N SER B 65 12.49 7.51 5.95
CA SER B 65 12.51 8.50 7.06
C SER B 65 12.21 9.91 6.52
N ILE B 66 12.66 10.20 5.29
CA ILE B 66 12.42 11.48 4.64
C ILE B 66 10.97 11.62 4.13
N VAL B 67 10.40 10.57 3.51
CA VAL B 67 9.01 10.58 3.05
C VAL B 67 8.10 10.86 4.26
N GLU B 68 8.34 10.16 5.40
CA GLU B 68 7.55 10.32 6.63
C GLU B 68 7.64 11.74 7.20
N ARG B 69 8.83 12.33 7.16
CA ARG B 69 9.04 13.68 7.67
C ARG B 69 8.39 14.72 6.79
N LEU B 70 8.41 14.49 5.47
CA LEU B 70 7.72 15.34 4.50
C LEU B 70 6.21 15.21 4.71
N ALA B 71 5.71 13.99 4.96
CA ALA B 71 4.29 13.72 5.23
C ALA B 71 3.86 14.48 6.49
N ALA B 72 4.67 14.40 7.58
CA ALA B 72 4.40 15.09 8.84
C ALA B 72 4.37 16.63 8.63
N LEU B 73 5.29 17.15 7.81
CA LEU B 73 5.34 18.58 7.47
C LEU B 73 4.09 19.05 6.71
N ILE B 74 3.60 18.25 5.73
CA ILE B 74 2.37 18.55 4.98
C ILE B 74 1.19 18.61 5.97
N THR B 75 1.12 17.61 6.90
CA THR B 75 0.11 17.51 7.96
C THR B 75 0.07 18.77 8.82
N SER B 76 1.24 19.32 9.20
CA SER B 76 1.36 20.54 10.01
C SER B 76 0.72 21.78 9.34
N HIS B 77 0.55 21.74 8.00
CA HIS B 77 -0.06 22.82 7.22
C HIS B 77 -1.54 22.58 6.93
N ARG B 78 -2.11 21.52 7.52
CA ARG B 78 -3.53 21.19 7.33
C ARG B 78 -4.44 22.27 7.97
N GLU B 79 -5.34 22.84 7.15
CA GLU B 79 -6.32 23.84 7.57
C GLU B 79 -7.31 23.21 8.55
N ALA B 80 -7.88 24.01 9.44
CA ALA B 80 -8.89 23.58 10.42
C ALA B 80 -10.13 23.07 9.69
N GLY B 81 -10.81 22.07 10.26
CA GLY B 81 -12.00 21.48 9.67
C GLY B 81 -11.76 20.65 8.41
N THR B 82 -10.56 20.05 8.28
CA THR B 82 -10.19 19.18 7.16
C THR B 82 -10.23 17.73 7.64
N GLU B 83 -11.08 16.91 7.02
CA GLU B 83 -11.24 15.50 7.37
C GLU B 83 -10.15 14.64 6.70
N ALA B 84 -9.35 13.97 7.53
CA ALA B 84 -8.27 13.10 7.06
C ALA B 84 -8.75 11.66 6.81
N LEU B 85 -8.58 11.21 5.56
CA LEU B 85 -8.93 9.85 5.12
C LEU B 85 -7.74 9.20 4.47
N ARG B 86 -7.51 7.91 4.77
CA ARG B 86 -6.40 7.19 4.18
C ARG B 86 -6.93 6.06 3.35
N PHE B 87 -6.60 6.09 2.06
CA PHE B 87 -7.11 5.10 1.13
C PHE B 87 -6.12 3.98 0.87
N PRO B 88 -6.62 2.73 0.67
CA PRO B 88 -5.71 1.64 0.30
C PRO B 88 -5.21 1.82 -1.15
N PRO B 89 -4.32 0.96 -1.65
CA PRO B 89 -3.83 1.13 -3.04
C PRO B 89 -4.83 0.77 -4.14
N VAL B 90 -6.00 0.25 -3.76
CA VAL B 90 -7.03 -0.16 -4.71
C VAL B 90 -8.30 0.64 -4.46
N MET B 91 -9.17 0.74 -5.47
CA MET B 91 -10.47 1.40 -5.36
C MET B 91 -11.46 0.71 -6.32
N SER B 92 -12.74 1.06 -6.20
CA SER B 92 -13.81 0.55 -7.05
C SER B 92 -13.54 0.86 -8.53
N ARG B 93 -13.58 -0.18 -9.37
CA ARG B 93 -13.38 -0.01 -10.81
C ARG B 93 -14.53 0.82 -11.40
N ALA B 94 -15.77 0.56 -10.96
CA ALA B 94 -16.96 1.28 -11.44
C ALA B 94 -16.86 2.77 -11.12
N GLN B 95 -16.37 3.13 -9.90
CA GLN B 95 -16.16 4.54 -9.50
C GLN B 95 -15.13 5.21 -10.40
N LEU B 96 -14.05 4.48 -10.75
CA LEU B 96 -13.04 5.06 -11.63
C LEU B 96 -13.51 5.21 -13.06
N GLU B 97 -14.26 4.21 -13.56
CA GLU B 97 -14.86 4.25 -14.89
C GLU B 97 -15.76 5.49 -14.99
N LYS B 98 -16.65 5.65 -14.00
CA LYS B 98 -17.63 6.73 -13.85
C LYS B 98 -16.94 8.10 -13.72
N SER B 99 -15.74 8.14 -13.14
CA SER B 99 -14.95 9.36 -12.96
C SER B 99 -14.27 9.88 -14.25
N GLY B 100 -14.31 9.12 -15.34
CA GLY B 100 -13.78 9.56 -16.62
C GLY B 100 -12.31 9.30 -16.88
N TYR B 101 -11.67 8.48 -16.03
CA TYR B 101 -10.23 8.20 -16.18
C TYR B 101 -9.86 7.43 -17.45
N LEU B 102 -10.61 6.38 -17.69
CA LEU B 102 -10.45 5.48 -18.81
C LEU B 102 -10.51 6.21 -20.17
N LYS B 103 -11.11 7.41 -20.20
CA LYS B 103 -11.17 8.20 -21.41
C LYS B 103 -9.90 9.02 -21.61
N SER B 104 -9.31 9.53 -20.51
CA SER B 104 -8.12 10.40 -20.52
C SER B 104 -6.79 9.67 -20.54
N PHE B 105 -6.62 8.65 -19.66
CA PHE B 105 -5.36 7.88 -19.59
C PHE B 105 -5.64 6.38 -19.55
N PRO B 106 -6.30 5.80 -20.59
CA PRO B 106 -6.60 4.36 -20.56
C PRO B 106 -5.35 3.48 -20.54
N ASN B 107 -4.27 3.95 -21.17
CA ASN B 107 -2.97 3.29 -21.25
C ASN B 107 -2.25 3.21 -19.88
N LEU B 108 -2.59 4.12 -18.94
CA LEU B 108 -1.92 4.19 -17.63
C LEU B 108 -2.59 3.37 -16.56
N LEU B 109 -3.87 3.02 -16.76
CA LEU B 109 -4.66 2.29 -15.76
C LEU B 109 -4.21 0.87 -15.47
N GLY B 110 -4.03 0.60 -14.18
CA GLY B 110 -3.70 -0.73 -13.67
C GLY B 110 -4.99 -1.29 -13.09
N CYS B 111 -5.47 -2.39 -13.68
N CYS B 111 -5.53 -2.34 -13.72
CA CYS B 111 -6.69 -3.07 -13.26
CA CYS B 111 -6.77 -2.99 -13.27
C CYS B 111 -6.34 -4.31 -12.49
C CYS B 111 -6.36 -4.24 -12.49
N VAL B 112 -7.20 -4.67 -11.54
CA VAL B 112 -7.01 -5.88 -10.76
C VAL B 112 -7.77 -7.03 -11.47
N CYS B 113 -7.06 -8.11 -11.75
N CYS B 113 -7.06 -8.11 -11.76
CA CYS B 113 -7.64 -9.33 -12.31
CA CYS B 113 -7.57 -9.32 -12.40
C CYS B 113 -7.36 -10.44 -11.32
C CYS B 113 -7.20 -10.55 -11.54
N GLY B 114 -8.13 -11.51 -11.45
CA GLY B 114 -7.97 -12.70 -10.65
C GLY B 114 -8.53 -13.94 -11.29
N LEU B 115 -8.25 -15.09 -10.68
CA LEU B 115 -8.76 -16.39 -11.09
C LEU B 115 -10.05 -16.55 -10.33
N HIS B 116 -11.17 -16.19 -10.99
CA HIS B 116 -12.53 -16.19 -10.40
C HIS B 116 -13.34 -17.43 -10.81
N GLY B 117 -12.71 -18.38 -11.51
CA GLY B 117 -13.40 -19.59 -11.95
C GLY B 117 -13.59 -20.64 -10.87
N THR B 118 -13.96 -21.84 -11.29
CA THR B 118 -14.19 -23.00 -10.40
C THR B 118 -12.84 -23.58 -10.00
N GLU B 119 -12.82 -24.42 -8.97
CA GLU B 119 -11.60 -25.08 -8.49
C GLU B 119 -10.89 -25.84 -9.64
N ARG B 120 -11.70 -26.50 -10.51
CA ARG B 120 -11.21 -27.28 -11.65
C ARG B 120 -10.53 -26.36 -12.67
N GLU B 121 -11.15 -25.19 -12.98
CA GLU B 121 -10.62 -24.18 -13.90
C GLU B 121 -9.32 -23.57 -13.39
N ILE B 122 -9.25 -23.29 -12.07
CA ILE B 122 -8.07 -22.71 -11.42
C ILE B 122 -6.91 -23.73 -11.44
N ASN B 123 -7.20 -24.99 -11.04
CA ASN B 123 -6.21 -26.08 -11.06
C ASN B 123 -5.65 -26.29 -12.49
N ALA B 124 -6.55 -26.27 -13.52
CA ALA B 124 -6.17 -26.42 -14.93
C ALA B 124 -5.23 -25.25 -15.37
N ALA B 125 -5.48 -24.00 -14.92
CA ALA B 125 -4.64 -22.82 -15.26
C ALA B 125 -3.24 -23.00 -14.71
N VAL B 126 -3.15 -23.46 -13.43
CA VAL B 126 -1.87 -23.71 -12.77
C VAL B 126 -1.11 -24.86 -13.47
N SER B 127 -1.86 -25.91 -13.90
CA SER B 127 -1.28 -27.05 -14.63
C SER B 127 -0.72 -26.62 -15.98
N ARG B 128 -1.39 -25.66 -16.67
CA ARG B 128 -0.90 -25.09 -17.95
C ARG B 128 0.43 -24.38 -17.71
N PHE B 129 0.53 -23.62 -16.60
CA PHE B 129 1.76 -22.92 -16.20
C PHE B 129 2.91 -23.92 -15.99
N ASP B 130 2.61 -25.06 -15.33
CA ASP B 130 3.59 -26.13 -15.09
C ASP B 130 4.06 -26.77 -16.40
N ALA B 131 3.14 -26.86 -17.42
CA ALA B 131 3.46 -27.45 -18.71
C ALA B 131 3.92 -26.43 -19.77
N GLY B 132 4.51 -25.33 -19.31
CA GLY B 132 5.08 -24.28 -20.14
C GLY B 132 4.11 -23.36 -20.85
N GLY B 133 2.85 -23.43 -20.48
CA GLY B 133 1.80 -22.62 -21.07
C GLY B 133 1.51 -21.37 -20.26
N ASP B 134 0.41 -20.67 -20.59
CA ASP B 134 0.02 -19.42 -19.97
C ASP B 134 -1.22 -19.57 -19.05
N TRP B 135 -1.01 -19.43 -17.73
CA TRP B 135 -2.09 -19.51 -16.74
C TRP B 135 -2.99 -18.26 -16.76
N THR B 136 -2.46 -17.13 -17.24
CA THR B 136 -3.16 -15.85 -17.27
C THR B 136 -4.42 -15.80 -18.13
N THR B 137 -4.62 -16.76 -19.03
CA THR B 137 -5.84 -16.80 -19.88
C THR B 137 -7.08 -17.04 -19.05
N SER B 138 -6.92 -17.58 -17.82
CA SER B 138 -8.02 -17.79 -16.90
C SER B 138 -8.33 -16.57 -16.00
N LEU B 139 -7.59 -15.46 -16.18
CA LEU B 139 -7.84 -14.23 -15.42
C LEU B 139 -9.09 -13.54 -15.93
N SER B 140 -9.81 -12.89 -15.05
CA SER B 140 -10.97 -12.09 -15.43
C SER B 140 -10.90 -10.84 -14.55
N PRO B 141 -11.39 -9.69 -15.01
CA PRO B 141 -11.29 -8.50 -14.16
C PRO B 141 -12.07 -8.60 -12.85
N ALA B 142 -11.50 -7.99 -11.81
CA ALA B 142 -12.16 -7.88 -10.50
C ALA B 142 -13.00 -6.59 -10.58
N ASP B 143 -13.70 -6.26 -9.48
CA ASP B 143 -14.47 -5.02 -9.37
C ASP B 143 -13.52 -3.88 -8.85
N LEU B 144 -12.20 -4.08 -8.93
CA LEU B 144 -11.18 -3.16 -8.41
C LEU B 144 -10.12 -2.81 -9.43
N VAL B 145 -9.55 -1.61 -9.27
CA VAL B 145 -8.41 -1.09 -10.02
C VAL B 145 -7.38 -0.60 -8.99
N LEU B 146 -6.14 -0.44 -9.41
CA LEU B 146 -5.10 0.21 -8.59
C LEU B 146 -5.38 1.70 -8.81
N SER B 147 -5.49 2.46 -7.72
N SER B 147 -5.50 2.47 -7.72
CA SER B 147 -5.82 3.89 -7.77
CA SER B 147 -5.80 3.91 -7.77
C SER B 147 -4.81 4.75 -8.55
C SER B 147 -4.79 4.74 -8.58
N PRO B 148 -5.21 5.50 -9.60
CA PRO B 148 -4.23 6.32 -10.35
C PRO B 148 -3.99 7.71 -9.75
N ALA B 149 -4.86 8.12 -8.82
CA ALA B 149 -4.80 9.41 -8.10
C ALA B 149 -5.50 9.21 -6.77
N ALA B 150 -4.95 9.78 -5.69
CA ALA B 150 -5.47 9.62 -4.33
C ALA B 150 -6.88 10.13 -4.08
N CYS B 151 -7.28 11.22 -4.73
CA CYS B 151 -8.59 11.83 -4.44
C CYS B 151 -9.84 11.14 -4.96
N TYR B 152 -9.75 10.39 -6.08
CA TYR B 152 -10.89 9.71 -6.73
C TYR B 152 -11.94 9.10 -5.79
N PRO B 153 -11.57 8.27 -4.77
CA PRO B 153 -12.62 7.70 -3.90
C PRO B 153 -13.34 8.71 -3.01
N VAL B 154 -12.79 9.93 -2.84
CA VAL B 154 -13.39 10.90 -1.91
C VAL B 154 -14.74 11.49 -2.35
N TYR B 155 -14.93 11.67 -3.69
CA TYR B 155 -16.13 12.27 -4.28
C TYR B 155 -17.39 11.47 -4.03
N PRO B 156 -17.44 10.11 -4.28
CA PRO B 156 -18.65 9.34 -3.88
C PRO B 156 -18.89 9.34 -2.36
N ILE B 157 -17.81 9.43 -1.55
CA ILE B 157 -17.91 9.48 -0.08
C ILE B 157 -18.64 10.77 0.36
N ALA B 158 -18.19 11.94 -0.18
CA ALA B 158 -18.81 13.24 0.13
C ALA B 158 -20.27 13.31 -0.35
N ALA B 159 -20.58 12.72 -1.52
CA ALA B 159 -21.92 12.70 -2.13
C ALA B 159 -22.97 11.95 -1.30
N SER B 160 -22.54 10.88 -0.61
CA SER B 160 -23.39 10.02 0.22
C SER B 160 -23.92 10.71 1.46
N ARG B 161 -23.33 11.86 1.82
CA ARG B 161 -23.65 12.67 3.01
C ARG B 161 -24.73 13.74 2.75
N GLY B 162 -25.19 13.83 1.51
CA GLY B 162 -26.20 14.80 1.13
C GLY B 162 -25.62 16.15 0.77
N PRO B 163 -26.44 17.23 0.83
CA PRO B 163 -25.94 18.55 0.44
C PRO B 163 -24.80 19.08 1.31
N LEU B 164 -23.86 19.78 0.67
CA LEU B 164 -22.70 20.36 1.34
C LEU B 164 -23.10 21.50 2.26
N PRO B 165 -22.38 21.71 3.40
CA PRO B 165 -22.68 22.88 4.22
C PRO B 165 -22.10 24.12 3.54
N LYS B 166 -22.43 25.33 4.05
CA LYS B 166 -21.88 26.58 3.51
C LYS B 166 -20.37 26.54 3.75
N GLY B 167 -19.60 26.95 2.75
CA GLY B 167 -18.14 26.90 2.82
C GLY B 167 -17.57 25.61 2.25
N GLY B 168 -18.43 24.60 2.06
CA GLY B 168 -18.08 23.30 1.48
C GLY B 168 -17.37 22.33 2.41
N LEU B 169 -16.72 21.30 1.83
CA LEU B 169 -15.98 20.31 2.60
C LEU B 169 -14.52 20.32 2.18
N ARG B 170 -13.63 20.02 3.14
N ARG B 170 -13.63 20.01 3.14
CA ARG B 170 -12.19 19.91 2.93
CA ARG B 170 -12.19 19.90 2.89
C ARG B 170 -11.75 18.53 3.39
C ARG B 170 -11.71 18.56 3.39
N PHE B 171 -10.96 17.85 2.56
CA PHE B 171 -10.45 16.52 2.89
C PHE B 171 -8.94 16.45 2.73
N ASP B 172 -8.32 15.62 3.55
CA ASP B 172 -6.89 15.32 3.49
C ASP B 172 -6.87 13.84 3.14
N VAL B 173 -6.35 13.50 1.97
CA VAL B 173 -6.35 12.13 1.47
C VAL B 173 -4.94 11.69 1.08
N ALA B 174 -4.69 10.38 1.11
CA ALA B 174 -3.43 9.79 0.70
C ALA B 174 -3.67 8.39 0.20
N ALA B 175 -2.83 7.94 -0.72
CA ALA B 175 -2.87 6.60 -1.27
C ALA B 175 -1.60 6.34 -2.03
N ASP B 176 -1.27 5.06 -2.16
CA ASP B 176 -0.21 4.55 -3.01
C ASP B 176 -0.91 4.42 -4.33
N CYS B 177 -0.46 5.20 -5.29
CA CYS B 177 -1.04 5.26 -6.61
C CYS B 177 -0.28 4.43 -7.63
N PHE B 178 -0.96 4.08 -8.71
CA PHE B 178 -0.34 3.32 -9.78
C PHE B 178 -0.61 3.96 -11.13
N ARG B 179 0.45 4.07 -11.95
CA ARG B 179 0.40 4.54 -13.32
C ARG B 179 1.34 3.68 -14.13
N ARG B 180 0.79 2.99 -15.12
CA ARG B 180 1.56 2.09 -15.96
C ARG B 180 2.50 2.86 -16.91
N GLU B 181 3.55 3.49 -16.35
CA GLU B 181 4.57 4.24 -17.09
C GLU B 181 5.98 3.80 -16.74
N PRO B 182 6.38 2.60 -17.25
CA PRO B 182 7.73 2.08 -16.95
C PRO B 182 8.84 3.01 -17.42
N SER B 183 9.83 3.22 -16.53
CA SER B 183 10.96 4.12 -16.74
C SER B 183 12.07 3.74 -15.79
N LYS B 184 13.31 4.03 -16.18
CA LYS B 184 14.46 3.77 -15.33
C LYS B 184 14.81 5.04 -14.53
N HIS B 185 14.11 6.16 -14.79
CA HIS B 185 14.32 7.42 -14.08
C HIS B 185 13.66 7.40 -12.72
N LEU B 186 14.40 7.83 -11.69
CA LEU B 186 13.96 7.81 -10.29
C LEU B 186 12.80 8.75 -9.96
N ASP B 187 12.50 9.68 -10.85
CA ASP B 187 11.40 10.62 -10.67
C ASP B 187 10.16 10.25 -11.53
N ARG B 188 10.17 9.05 -12.13
CA ARG B 188 9.03 8.54 -12.89
C ARG B 188 8.84 7.09 -12.47
N LEU B 189 7.93 6.89 -11.52
CA LEU B 189 7.66 5.57 -10.97
C LEU B 189 6.34 4.99 -11.47
N GLN B 190 6.15 3.68 -11.26
CA GLN B 190 4.88 3.03 -11.58
C GLN B 190 4.00 3.04 -10.33
N SER B 191 4.61 2.80 -9.15
CA SER B 191 3.93 2.78 -7.85
C SER B 191 4.52 3.92 -7.02
N PHE B 192 3.69 4.89 -6.62
CA PHE B 192 4.18 6.08 -5.90
C PHE B 192 3.08 6.63 -5.00
N ARG B 193 3.51 7.29 -3.90
CA ARG B 193 2.62 7.86 -2.90
C ARG B 193 2.14 9.23 -3.31
N MET B 194 0.85 9.47 -3.19
CA MET B 194 0.26 10.76 -3.47
C MET B 194 -0.47 11.20 -2.23
N ARG B 195 -0.31 12.47 -1.86
CA ARG B 195 -0.96 13.09 -0.71
C ARG B 195 -1.71 14.31 -1.22
N GLU B 196 -2.98 14.51 -0.80
CA GLU B 196 -3.72 15.65 -1.33
C GLU B 196 -4.63 16.32 -0.32
N TYR B 197 -4.88 17.63 -0.56
CA TYR B 197 -5.92 18.38 0.13
C TYR B 197 -6.97 18.65 -0.95
N VAL B 198 -8.23 18.33 -0.65
CA VAL B 198 -9.34 18.38 -1.62
C VAL B 198 -10.40 19.35 -1.15
N CYS B 199 -10.87 20.22 -2.07
CA CYS B 199 -11.96 21.16 -1.80
C CYS B 199 -13.18 20.79 -2.60
N ILE B 200 -14.32 20.67 -1.92
CA ILE B 200 -15.62 20.39 -2.52
C ILE B 200 -16.58 21.48 -2.04
N GLY B 201 -17.11 22.26 -2.99
CA GLY B 201 -18.03 23.35 -2.70
C GLY B 201 -18.42 24.17 -3.91
N THR B 202 -18.59 25.47 -3.72
CA THR B 202 -18.97 26.39 -4.81
C THR B 202 -17.70 26.76 -5.60
N PRO B 203 -17.79 27.34 -6.84
CA PRO B 203 -16.55 27.79 -7.50
C PRO B 203 -15.73 28.78 -6.66
N ASP B 204 -16.39 29.60 -5.79
CA ASP B 204 -15.69 30.54 -4.89
C ASP B 204 -14.84 29.80 -3.86
N ASP B 205 -15.44 28.77 -3.22
CA ASP B 205 -14.78 27.90 -2.23
C ASP B 205 -13.51 27.30 -2.82
N VAL B 206 -13.65 26.67 -4.01
CA VAL B 206 -12.56 26.01 -4.73
C VAL B 206 -11.49 27.01 -5.17
N SER B 207 -11.91 28.18 -5.69
CA SER B 207 -11.00 29.25 -6.13
C SER B 207 -10.17 29.75 -4.97
N ASP B 208 -10.79 30.09 -3.83
CA ASP B 208 -10.08 30.61 -2.64
C ASP B 208 -9.07 29.57 -2.12
N PHE B 209 -9.49 28.30 -2.13
CA PHE B 209 -8.69 27.15 -1.70
C PHE B 209 -7.45 27.01 -2.59
N ARG B 210 -7.66 26.98 -3.90
CA ARG B 210 -6.59 26.89 -4.91
C ARG B 210 -5.57 28.05 -4.73
N GLU B 211 -6.07 29.29 -4.51
CA GLU B 211 -5.23 30.48 -4.31
C GLU B 211 -4.41 30.36 -3.04
N ARG B 212 -5.04 29.98 -1.91
CA ARG B 212 -4.35 29.78 -0.63
C ARG B 212 -3.26 28.72 -0.77
N TRP B 213 -3.60 27.59 -1.42
CA TRP B 213 -2.65 26.49 -1.57
C TRP B 213 -1.51 26.70 -2.52
N MET B 214 -1.72 27.50 -3.56
CA MET B 214 -0.64 27.84 -4.48
C MET B 214 0.40 28.71 -3.78
N VAL B 215 -0.02 29.53 -2.82
CA VAL B 215 0.84 30.40 -2.00
C VAL B 215 1.58 29.52 -0.96
N ARG B 216 0.81 28.72 -0.19
CA ARG B 216 1.30 27.81 0.86
C ARG B 216 2.29 26.75 0.36
N ALA B 217 2.01 26.13 -0.78
CA ALA B 217 2.88 25.11 -1.36
C ALA B 217 4.25 25.68 -1.74
N GLN B 218 4.28 26.95 -2.20
CA GLN B 218 5.52 27.64 -2.56
C GLN B 218 6.31 27.94 -1.29
N ALA B 219 5.62 28.36 -0.20
CA ALA B 219 6.24 28.61 1.10
C ALA B 219 6.83 27.31 1.66
N ILE B 220 6.15 26.16 1.45
CA ILE B 220 6.63 24.84 1.89
C ILE B 220 7.93 24.47 1.13
N ALA B 221 7.94 24.58 -0.21
CA ALA B 221 9.12 24.25 -1.00
C ALA B 221 10.32 25.14 -0.69
N ARG B 222 10.06 26.41 -0.34
CA ARG B 222 11.03 27.42 0.06
C ARG B 222 11.67 26.98 1.38
N ASP B 223 10.82 26.60 2.37
CA ASP B 223 11.24 26.09 3.69
C ASP B 223 12.10 24.85 3.57
N LEU B 224 11.88 24.07 2.50
CA LEU B 224 12.61 22.83 2.20
C LEU B 224 13.93 23.06 1.46
N GLY B 225 14.21 24.32 1.12
CA GLY B 225 15.42 24.71 0.42
C GLY B 225 15.43 24.24 -1.02
N LEU B 226 14.22 24.04 -1.58
CA LEU B 226 14.06 23.58 -2.96
C LEU B 226 13.96 24.73 -3.95
N THR B 227 14.54 24.55 -5.14
CA THR B 227 14.48 25.52 -6.25
C THR B 227 13.29 25.13 -7.10
N PHE B 228 12.42 26.10 -7.41
CA PHE B 228 11.20 25.81 -8.16
C PHE B 228 10.64 27.00 -8.91
N ARG B 229 9.61 26.70 -9.73
CA ARG B 229 8.76 27.63 -10.45
C ARG B 229 7.37 27.00 -10.54
N VAL B 230 6.34 27.82 -10.41
CA VAL B 230 4.96 27.37 -10.54
C VAL B 230 4.52 27.80 -11.93
N ASP B 231 4.20 26.83 -12.79
CA ASP B 231 3.78 27.10 -14.15
C ASP B 231 2.50 26.36 -14.50
N TYR B 232 1.86 26.76 -15.61
CA TYR B 232 0.64 26.15 -16.13
C TYR B 232 1.01 24.77 -16.69
N ALA B 233 0.10 23.80 -16.61
CA ALA B 233 0.37 22.45 -17.12
C ALA B 233 -0.51 22.07 -18.30
N LEU B 254 -6.53 25.77 -15.00
CA LEU B 254 -7.11 24.44 -14.83
C LEU B 254 -6.13 23.47 -14.16
N LYS B 255 -4.83 23.64 -14.47
CA LYS B 255 -3.76 22.85 -13.88
C LYS B 255 -2.46 23.62 -13.76
N PHE B 256 -1.99 23.75 -12.53
CA PHE B 256 -0.71 24.38 -12.19
C PHE B 256 0.17 23.31 -11.58
N GLU B 257 1.48 23.41 -11.80
CA GLU B 257 2.47 22.48 -11.25
C GLU B 257 3.61 23.23 -10.62
N LEU B 258 4.18 22.68 -9.54
CA LEU B 258 5.36 23.23 -8.89
C LEU B 258 6.46 22.37 -9.47
N LEU B 259 7.30 22.98 -10.34
CA LEU B 259 8.35 22.25 -11.04
C LEU B 259 9.70 22.48 -10.42
N ILE B 260 10.45 21.40 -10.21
CA ILE B 260 11.77 21.45 -9.59
C ILE B 260 12.78 20.85 -10.57
N PRO B 261 13.90 21.57 -10.86
CA PRO B 261 14.92 21.00 -11.77
C PRO B 261 15.60 19.81 -11.12
N LEU B 262 15.44 18.62 -11.71
CA LEU B 262 16.10 17.42 -11.19
C LEU B 262 17.16 16.91 -12.15
N ARG B 263 16.86 16.85 -13.45
CA ARG B 263 17.87 16.40 -14.40
C ARG B 263 18.40 17.57 -15.18
N SER B 264 17.49 18.50 -15.52
CA SER B 264 17.77 19.70 -16.27
C SER B 264 16.95 20.83 -15.70
N GLU B 265 17.39 22.07 -15.96
CA GLU B 265 16.70 23.28 -15.55
C GLU B 265 15.65 23.60 -16.63
N GLU B 266 15.83 23.00 -17.84
CA GLU B 266 14.95 23.12 -19.01
C GLU B 266 13.81 22.10 -18.94
N GLN B 267 14.11 20.89 -18.42
CA GLN B 267 13.11 19.84 -18.22
C GLN B 267 12.92 19.56 -16.71
N PRO B 268 12.20 20.46 -15.97
CA PRO B 268 12.03 20.23 -14.52
C PRO B 268 10.96 19.16 -14.23
N THR B 269 10.92 18.69 -12.97
CA THR B 269 9.97 17.66 -12.54
C THR B 269 8.82 18.26 -11.74
N ALA B 270 7.57 17.94 -12.14
CA ALA B 270 6.36 18.40 -11.44
C ALA B 270 6.23 17.60 -10.14
N CYS B 271 6.47 18.26 -8.99
CA CYS B 271 6.46 17.61 -7.68
C CYS B 271 5.19 17.86 -6.88
N MET B 272 4.36 18.80 -7.36
CA MET B 272 3.05 19.13 -6.80
C MET B 272 2.17 19.58 -7.95
N SER B 273 0.85 19.45 -7.78
CA SER B 273 -0.12 19.91 -8.78
C SER B 273 -1.25 20.63 -8.09
N PHE B 274 -1.87 21.59 -8.78
CA PHE B 274 -2.99 22.42 -8.31
C PHE B 274 -4.03 22.27 -9.41
N ASN B 275 -5.02 21.41 -9.14
CA ASN B 275 -6.05 21.02 -10.10
C ASN B 275 -7.42 21.56 -9.82
N TYR B 276 -8.09 21.96 -10.90
CA TYR B 276 -9.47 22.41 -10.91
C TYR B 276 -10.22 21.45 -11.81
N HIS B 277 -11.27 20.84 -11.29
CA HIS B 277 -12.04 19.85 -12.05
C HIS B 277 -13.38 20.39 -12.58
N ARG B 278 -13.73 21.65 -12.28
CA ARG B 278 -15.04 22.28 -12.61
C ARG B 278 -16.09 21.52 -11.81
N GLU B 279 -17.29 21.37 -12.37
CA GLU B 279 -18.35 20.59 -11.75
C GLU B 279 -18.33 19.11 -12.18
N HIS B 280 -17.22 18.66 -12.82
CA HIS B 280 -17.05 17.28 -13.29
C HIS B 280 -17.44 16.23 -12.24
N PHE B 281 -16.83 16.28 -11.05
CA PHE B 281 -17.14 15.32 -9.97
C PHE B 281 -18.48 15.59 -9.29
N GLY B 282 -18.84 16.88 -9.15
CA GLY B 282 -20.12 17.27 -8.56
C GLY B 282 -21.30 16.76 -9.36
N THR B 283 -21.20 16.82 -10.70
CA THR B 283 -22.21 16.32 -11.65
C THR B 283 -22.23 14.80 -11.66
N THR B 284 -21.03 14.17 -11.78
CA THR B 284 -20.87 12.70 -11.83
C THR B 284 -21.51 12.05 -10.61
N TRP B 285 -21.24 12.58 -9.41
CA TRP B 285 -21.72 12.00 -8.17
C TRP B 285 -22.97 12.61 -7.57
N GLY B 286 -23.51 13.63 -8.21
CA GLY B 286 -24.68 14.33 -7.69
C GLY B 286 -24.40 15.08 -6.40
N ILE B 287 -23.22 15.73 -6.34
CA ILE B 287 -22.85 16.51 -5.14
C ILE B 287 -23.50 17.88 -5.29
N GLN B 288 -24.40 18.21 -4.37
CA GLN B 288 -25.10 19.48 -4.34
C GLN B 288 -24.44 20.42 -3.35
N ASP B 289 -24.12 21.66 -3.77
CA ASP B 289 -23.57 22.65 -2.86
C ASP B 289 -24.69 23.23 -1.95
N ALA B 290 -24.38 24.19 -1.05
CA ALA B 290 -25.35 24.79 -0.13
C ALA B 290 -26.52 25.55 -0.83
N ASN B 291 -26.34 25.96 -2.09
CA ASN B 291 -27.36 26.66 -2.87
C ASN B 291 -28.14 25.71 -3.80
N GLY B 292 -27.93 24.41 -3.61
CA GLY B 292 -28.58 23.37 -4.42
C GLY B 292 -28.00 23.19 -5.82
N GLU B 293 -26.85 23.81 -6.11
CA GLU B 293 -26.18 23.72 -7.41
C GLU B 293 -25.14 22.57 -7.48
N PRO B 294 -24.80 22.02 -8.68
CA PRO B 294 -23.77 20.96 -8.74
C PRO B 294 -22.44 21.50 -8.23
N ALA B 295 -21.85 20.80 -7.27
CA ALA B 295 -20.62 21.22 -6.62
C ALA B 295 -19.41 21.25 -7.54
N HIS B 296 -18.50 22.19 -7.27
CA HIS B 296 -17.22 22.28 -7.96
C HIS B 296 -16.16 21.68 -7.04
N THR B 297 -15.09 21.15 -7.62
CA THR B 297 -14.02 20.52 -6.85
C THR B 297 -12.67 20.91 -7.41
N GLY B 298 -11.70 20.92 -6.50
CA GLY B 298 -10.30 21.16 -6.80
C GLY B 298 -9.46 20.37 -5.82
N CYS B 299 -8.19 20.15 -6.15
CA CYS B 299 -7.28 19.43 -5.27
C CYS B 299 -5.85 19.94 -5.41
N VAL B 300 -5.11 19.91 -4.27
CA VAL B 300 -3.69 20.24 -4.21
C VAL B 300 -2.99 18.91 -3.93
N ALA B 301 -2.18 18.39 -4.88
CA ALA B 301 -1.54 17.09 -4.77
C ALA B 301 -0.04 17.18 -4.60
N PHE B 302 0.51 16.42 -3.63
CA PHE B 302 1.93 16.37 -3.35
C PHE B 302 2.44 15.00 -3.75
N GLY B 303 3.42 14.98 -4.65
CA GLY B 303 4.08 13.76 -5.11
C GLY B 303 5.12 13.43 -4.07
N MET B 304 4.77 12.56 -3.10
CA MET B 304 5.63 12.18 -1.97
C MET B 304 6.97 11.66 -2.35
N ASP B 305 7.01 10.78 -3.35
CA ASP B 305 8.24 10.18 -3.85
C ASP B 305 9.06 11.17 -4.66
N ARG B 306 8.39 12.06 -5.44
CA ARG B 306 9.12 13.09 -6.20
C ARG B 306 9.72 14.13 -5.29
N LEU B 307 9.00 14.51 -4.21
CA LEU B 307 9.47 15.47 -3.23
C LEU B 307 10.66 14.90 -2.45
N ALA B 308 10.61 13.60 -2.11
CA ALA B 308 11.70 12.93 -1.39
C ALA B 308 12.95 12.87 -2.29
N VAL B 309 12.78 12.46 -3.57
CA VAL B 309 13.88 12.40 -4.55
C VAL B 309 14.43 13.82 -4.77
N ALA B 310 13.55 14.85 -4.83
CA ALA B 310 13.97 16.24 -4.97
C ALA B 310 14.85 16.67 -3.78
N MET B 311 14.48 16.27 -2.55
CA MET B 311 15.21 16.59 -1.32
C MET B 311 16.62 16.00 -1.34
N PHE B 312 16.74 14.72 -1.72
CA PHE B 312 18.02 14.04 -1.79
C PHE B 312 18.89 14.57 -2.92
N HIS B 313 18.29 14.92 -4.06
CA HIS B 313 19.03 15.47 -5.18
C HIS B 313 19.60 16.85 -4.82
N THR B 314 18.79 17.67 -4.13
CA THR B 314 19.13 19.02 -3.71
C THR B 314 20.17 19.06 -2.60
N HIS B 315 19.94 18.34 -1.49
CA HIS B 315 20.76 18.39 -0.28
C HIS B 315 21.71 17.20 -0.07
N GLY B 316 21.60 16.15 -0.89
CA GLY B 316 22.44 14.97 -0.77
C GLY B 316 21.89 13.93 0.17
N THR B 317 22.53 12.75 0.21
CA THR B 317 22.09 11.61 1.01
C THR B 317 22.57 11.62 2.47
N ASP B 318 23.41 12.59 2.86
CA ASP B 318 23.91 12.72 4.24
C ASP B 318 23.04 13.76 4.95
N LEU B 319 22.11 13.30 5.81
CA LEU B 319 21.17 14.17 6.55
C LEU B 319 21.85 15.17 7.47
N SER B 320 23.00 14.79 8.08
CA SER B 320 23.78 15.64 9.00
C SER B 320 24.31 16.91 8.31
N ALA B 321 24.49 16.86 6.98
CA ALA B 321 24.96 17.98 6.17
C ALA B 321 23.82 18.80 5.50
N TRP B 322 22.55 18.47 5.79
CA TRP B 322 21.42 19.23 5.24
C TRP B 322 21.38 20.61 5.94
N PRO B 323 20.87 21.71 5.32
CA PRO B 323 20.82 23.00 6.05
C PRO B 323 20.04 22.91 7.35
N ALA B 324 20.52 23.63 8.38
CA ALA B 324 19.93 23.67 9.74
C ALA B 324 18.43 24.00 9.74
N LYS B 325 17.99 24.96 8.90
CA LYS B 325 16.59 25.37 8.78
C LYS B 325 15.73 24.22 8.24
N VAL B 326 16.27 23.55 7.19
CA VAL B 326 15.63 22.40 6.56
C VAL B 326 15.53 21.27 7.59
N ARG B 327 16.64 20.98 8.30
CA ARG B 327 16.68 19.95 9.35
C ARG B 327 15.70 20.29 10.47
N ASP B 328 15.58 21.60 10.82
CA ASP B 328 14.68 22.09 11.85
C ASP B 328 13.21 21.91 11.45
N ILE B 329 12.81 22.37 10.24
CA ILE B 329 11.42 22.24 9.77
C ILE B 329 10.94 20.78 9.66
N LEU B 330 11.88 19.85 9.35
CA LEU B 330 11.59 18.42 9.26
C LEU B 330 11.73 17.67 10.60
N GLY B 331 12.15 18.38 11.64
CA GLY B 331 12.36 17.84 12.98
C GLY B 331 13.48 16.81 13.06
N LEU B 332 14.61 17.08 12.38
CA LEU B 332 15.78 16.21 12.35
C LEU B 332 16.84 16.62 13.36
ZN ZN C . 6.60 -13.53 5.52
C G5A D . 2.30 -14.20 5.92
N G5A D . 4.52 -13.85 5.29
O G5A D . 1.87 -13.73 4.86
S G5A D . 0.10 -15.00 6.92
N1 G5A D . -7.39 -9.36 6.15
C2 G5A D . -6.75 -8.71 7.13
N3 G5A D . -5.57 -9.22 7.65
C4 G5A D . -5.03 -10.38 7.14
C5 G5A D . -5.72 -11.09 6.03
C6 G5A D . -6.96 -10.52 5.54
N6 G5A D . -7.68 -11.13 4.52
N7 G5A D . -5.02 -12.13 5.73
C8 G5A D . -3.91 -12.14 6.53
N9 G5A D . -3.94 -11.09 7.38
CA G5A D . 3.69 -14.25 6.41
C1' G5A D . -2.97 -10.72 8.45
O1S G5A D . -0.34 -15.62 8.16
C2' G5A D . -3.22 -11.71 9.61
O2' G5A D . -3.15 -10.98 10.86
O2S G5A D . -0.71 -15.46 5.82
C3' G5A D . -2.15 -12.81 9.42
O3' G5A D . -1.72 -13.33 10.65
N3S G5A D . 1.60 -14.76 6.87
C4' G5A D . -0.97 -11.90 8.97
O4' G5A D . -1.61 -10.95 8.06
C5' G5A D . 0.12 -12.61 8.16
O5' G5A D . -0.39 -13.49 7.09
ZN ZN E . -6.68 15.00 -6.84
C G5A F . -3.33 14.26 -9.41
N G5A F . -5.31 14.33 -8.15
O G5A F . -3.41 13.06 -9.60
S G5A F . -1.32 14.88 -10.99
N1 G5A F . 6.02 8.88 -10.49
C2 G5A F . 6.20 9.54 -9.35
N3 G5A F . 5.37 10.60 -9.00
C4 G5A F . 4.31 10.96 -9.80
C5 G5A F . 4.08 10.21 -11.06
C6 G5A F . 5.01 9.13 -11.39
N6 G5A F . 4.88 8.38 -12.55
N7 G5A F . 3.01 10.75 -11.64
C8 G5A F . 2.55 11.75 -10.82
N9 G5A F . 3.34 11.87 -9.73
CA G5A F . -4.20 15.12 -8.56
C1' G5A F . 3.24 12.84 -8.61
O1S G5A F . -1.31 13.61 -11.75
C2' G5A F . 3.74 14.19 -9.16
O2' G5A F . 4.55 14.83 -8.16
O2S G5A F . -0.09 15.50 -11.09
C3' G5A F . 2.45 14.94 -9.52
O3' G5A F . 2.57 16.32 -9.35
N3S G5A F . -2.44 15.04 -9.96
C4' G5A F . 1.57 14.50 -8.33
O4' G5A F . 1.90 13.10 -8.22
C5' G5A F . 0.06 14.56 -8.58
O5' G5A F . -0.39 14.02 -9.92
#